data_5EFW
#
_entry.id   5EFW
#
_cell.length_a   54.700
_cell.length_b   54.700
_cell.length_c   188.030
_cell.angle_alpha   90.000
_cell.angle_beta   90.000
_cell.angle_gamma   90.000
#
_symmetry.space_group_name_H-M   'P 41 21 2'
#
loop_
_entity.id
_entity.type
_entity.pdbx_description
1 polymer NPH1-1
2 polymer 'Z-dark, a small protein based on the Z domain affibody'
3 non-polymer 'FLAVIN MONONUCLEOTIDE'
4 non-polymer 'SULFATE ION'
5 water water
#
loop_
_entity_poly.entity_id
_entity_poly.type
_entity_poly.pdbx_seq_one_letter_code
_entity_poly.pdbx_strand_id
1 'polypeptide(L)'
;GSLATTLERIEKNFVITDPRLPDNPIIFASDSFLQLTEYSREEILGRNARFLQGPETDRATVRKIRDAIDNQTEVTVQLI
NYTKSGKKFWNLFHLQPMRDQKGDVQYFIGVQLDGTEHVRDAAEREGVMLIKKTAENIDEAAKEL
;
A
2 'polypeptide(L)' GSVDNKFNKEKTRAGAEIHSLPNLNVEQKFAFIVSLFDDPSQSANLLAEAKKLNDAQAPK B,C
#
loop_
_chem_comp.id
_chem_comp.type
_chem_comp.name
_chem_comp.formula
FMN non-polymer 'FLAVIN MONONUCLEOTIDE' 'C17 H21 N4 O9 P'
SO4 non-polymer 'SULFATE ION' 'O4 S -2'
#
# COMPACT_ATOMS: atom_id res chain seq x y z
N THR A 5 -14.73 -1.16 -7.18
CA THR A 5 -14.96 -0.98 -5.74
C THR A 5 -14.97 0.50 -5.36
N THR A 6 -15.51 0.83 -4.19
CA THR A 6 -15.65 2.21 -3.80
C THR A 6 -14.31 2.92 -3.65
N LEU A 7 -13.30 2.21 -3.17
CA LEU A 7 -11.96 2.78 -3.02
C LEU A 7 -11.37 3.16 -4.39
N GLU A 8 -11.65 2.33 -5.39
CA GLU A 8 -11.19 2.58 -6.75
C GLU A 8 -12.00 3.69 -7.45
N ARG A 9 -13.21 3.96 -6.94
CA ARG A 9 -14.07 4.99 -7.53
C ARG A 9 -13.76 6.41 -7.02
N ILE A 10 -12.80 6.51 -6.09
CA ILE A 10 -12.39 7.82 -5.55
C ILE A 10 -11.39 8.54 -6.47
N GLU A 11 -11.88 9.57 -7.15
CA GLU A 11 -11.16 10.24 -8.24
C GLU A 11 -10.27 11.37 -7.72
N LYS A 12 -9.28 10.99 -6.93
CA LYS A 12 -8.34 11.93 -6.31
C LYS A 12 -6.96 11.28 -6.23
N ASN A 13 -5.93 12.10 -6.07
CA ASN A 13 -4.61 11.60 -5.77
C ASN A 13 -4.54 11.21 -4.30
N PHE A 14 -4.21 9.94 -4.03
CA PHE A 14 -3.91 9.52 -2.67
C PHE A 14 -3.07 8.24 -2.63
N VAL A 15 -2.33 8.08 -1.53
CA VAL A 15 -1.76 6.77 -1.18
C VAL A 15 -2.19 6.38 0.26
N ILE A 16 -2.10 5.10 0.56
CA ILE A 16 -2.39 4.54 1.89
C ILE A 16 -1.17 3.70 2.30
N THR A 17 -0.67 3.90 3.52
CA THR A 17 0.53 3.17 4.00
C THR A 17 0.22 2.33 5.23
N ASP A 18 1.07 1.33 5.49
CA ASP A 18 0.91 0.46 6.67
C ASP A 18 2.06 0.64 7.62
N PRO A 19 1.87 1.44 8.68
CA PRO A 19 2.91 1.68 9.71
C PRO A 19 3.33 0.43 10.48
N ARG A 20 2.57 -0.64 10.39
CA ARG A 20 2.90 -1.87 11.12
C ARG A 20 3.94 -2.71 10.33
N LEU A 21 4.20 -2.30 9.09
CA LEU A 21 5.30 -2.90 8.31
C LEU A 21 6.55 -2.00 8.42
N PRO A 22 7.75 -2.62 8.48
CA PRO A 22 8.99 -1.83 8.65
C PRO A 22 9.10 -0.69 7.63
N ASP A 23 9.43 0.51 8.09
CA ASP A 23 9.53 1.73 7.26
C ASP A 23 8.23 2.24 6.59
N ASN A 24 7.07 1.83 7.10
CA ASN A 24 5.79 2.44 6.74
C ASN A 24 5.51 2.53 5.22
N PRO A 25 5.48 1.37 4.52
CA PRO A 25 5.41 1.39 3.05
C PRO A 25 4.01 1.63 2.47
N ILE A 26 3.98 2.14 1.24
CA ILE A 26 2.74 2.28 0.47
C ILE A 26 2.16 0.91 0.17
N ILE A 27 0.90 0.69 0.56
CA ILE A 27 0.21 -0.55 0.21
C ILE A 27 -0.96 -0.34 -0.77
N PHE A 28 -1.26 0.90 -1.14
CA PHE A 28 -2.28 1.19 -2.17
C PHE A 28 -2.00 2.58 -2.71
N ALA A 29 -2.02 2.73 -4.02
CA ALA A 29 -1.80 4.05 -4.64
C ALA A 29 -2.90 4.31 -5.68
N SER A 30 -3.53 5.49 -5.66
CA SER A 30 -4.67 5.74 -6.57
C SER A 30 -4.21 5.87 -8.03
N ASP A 31 -5.12 5.55 -8.96
CA ASP A 31 -4.82 5.68 -10.39
C ASP A 31 -4.36 7.09 -10.77
N SER A 32 -5.01 8.10 -10.20
CA SER A 32 -4.63 9.49 -10.42
C SER A 32 -3.22 9.81 -9.91
N PHE A 33 -2.86 9.32 -8.72
CA PHE A 33 -1.54 9.59 -8.12
C PHE A 33 -0.42 9.04 -8.99
N LEU A 34 -0.58 7.79 -9.45
CA LEU A 34 0.41 7.14 -10.30
C LEU A 34 0.65 7.88 -11.61
N GLN A 35 -0.42 8.24 -12.31
CA GLN A 35 -0.28 9.00 -13.56
C GLN A 35 0.26 10.42 -13.34
N LEU A 36 -0.07 11.06 -12.22
CA LEU A 36 0.46 12.40 -11.92
C LEU A 36 1.96 12.33 -11.68
N THR A 37 2.40 11.32 -10.96
CA THR A 37 3.81 11.19 -10.59
C THR A 37 4.65 10.38 -11.61
N GLU A 38 3.99 9.77 -12.60
CA GLU A 38 4.64 8.98 -13.67
C GLU A 38 5.24 7.63 -13.22
N TYR A 39 4.82 7.15 -12.04
CA TYR A 39 5.27 5.86 -11.54
C TYR A 39 4.22 4.79 -11.78
N SER A 40 4.65 3.53 -11.76
CA SER A 40 3.74 2.39 -11.87
C SER A 40 3.55 1.74 -10.50
N ARG A 41 2.53 0.90 -10.39
CA ARG A 41 2.31 0.16 -9.15
C ARG A 41 3.50 -0.74 -8.80
N GLU A 42 4.02 -1.45 -9.80
CA GLU A 42 5.14 -2.35 -9.56
C GLU A 42 6.32 -1.58 -8.97
N GLU A 43 6.50 -0.37 -9.46
CA GLU A 43 7.60 0.49 -9.03
C GLU A 43 7.54 0.97 -7.59
N ILE A 44 6.36 1.36 -7.11
CA ILE A 44 6.30 2.04 -5.80
C ILE A 44 5.56 1.35 -4.66
N LEU A 45 4.86 0.25 -4.92
CA LEU A 45 4.23 -0.48 -3.83
CA LEU A 45 4.22 -0.48 -3.84
C LEU A 45 5.32 -1.18 -3.00
N GLY A 46 5.30 -0.96 -1.70
CA GLY A 46 6.34 -1.47 -0.85
C GLY A 46 7.36 -0.40 -0.51
N ARG A 47 7.25 0.80 -1.10
CA ARG A 47 8.22 1.88 -0.83
C ARG A 47 7.65 2.95 0.07
N ASN A 48 8.50 3.55 0.91
CA ASN A 48 8.11 4.71 1.70
C ASN A 48 7.89 5.88 0.76
N ALA A 49 6.86 6.68 0.99
CA ALA A 49 6.56 7.81 0.10
C ALA A 49 7.64 8.90 0.02
N ARG A 50 8.72 8.77 0.77
CA ARG A 50 9.75 9.82 0.73
C ARG A 50 10.45 9.92 -0.61
N PHE A 51 10.23 8.95 -1.50
CA PHE A 51 10.85 9.01 -2.84
C PHE A 51 10.38 10.23 -3.65
N LEU A 52 9.25 10.83 -3.25
CA LEU A 52 8.75 12.05 -3.89
C LEU A 52 9.66 13.27 -3.65
N GLN A 53 10.57 13.18 -2.69
CA GLN A 53 11.34 14.35 -2.29
C GLN A 53 12.63 14.51 -3.09
N GLY A 54 13.29 15.66 -2.93
CA GLY A 54 14.50 15.99 -3.69
C GLY A 54 15.15 17.28 -3.21
N PRO A 55 16.05 17.87 -4.02
CA PRO A 55 16.92 19.00 -3.66
C PRO A 55 16.23 20.27 -3.16
N GLU A 56 15.16 20.72 -3.83
CA GLU A 56 14.44 21.92 -3.40
C GLU A 56 13.33 21.68 -2.37
N THR A 57 13.23 20.46 -1.85
CA THR A 57 12.25 20.17 -0.81
C THR A 57 12.68 20.75 0.54
N ASP A 58 11.77 21.43 1.25
CA ASP A 58 12.11 22.10 2.51
C ASP A 58 12.26 21.10 3.66
N ARG A 59 13.45 21.00 4.23
CA ARG A 59 13.75 20.00 5.28
C ARG A 59 12.88 20.09 6.56
N ALA A 60 12.60 21.30 7.03
CA ALA A 60 11.78 21.53 8.21
C ALA A 60 10.34 21.07 7.97
N THR A 61 9.87 21.26 6.74
CA THR A 61 8.55 20.78 6.37
C THR A 61 8.51 19.26 6.49
N VAL A 62 9.47 18.59 5.86
CA VAL A 62 9.56 17.14 5.97
C VAL A 62 9.66 16.70 7.44
N ARG A 63 10.33 17.51 8.26
CA ARG A 63 10.41 17.23 9.69
C ARG A 63 9.04 17.25 10.37
N LYS A 64 8.18 18.21 10.01
CA LYS A 64 6.83 18.29 10.57
C LYS A 64 6.03 17.03 10.27
N ILE A 65 6.23 16.47 9.07
CA ILE A 65 5.51 15.26 8.68
C ILE A 65 6.03 14.09 9.53
N ARG A 66 7.35 14.01 9.66
CA ARG A 66 8.00 12.98 10.48
C ARG A 66 7.40 13.00 11.89
N ASP A 67 7.32 14.19 12.47
CA ASP A 67 6.88 14.32 13.84
C ASP A 67 5.41 13.94 13.99
N ALA A 68 4.58 14.34 13.03
CA ALA A 68 3.15 14.04 13.07
C ALA A 68 2.92 12.53 13.00
N ILE A 69 3.70 11.85 12.15
CA ILE A 69 3.64 10.39 12.08
C ILE A 69 4.09 9.72 13.39
N ASP A 70 5.16 10.25 14.00
CA ASP A 70 5.62 9.75 15.30
C ASP A 70 4.55 9.87 16.38
N ASN A 71 3.80 10.96 16.33
CA ASN A 71 2.80 11.23 17.35
C ASN A 71 1.44 10.65 16.98
N GLN A 72 1.36 10.05 15.79
CA GLN A 72 0.10 9.53 15.26
C GLN A 72 -1.05 10.56 15.28
N THR A 73 -0.88 11.61 14.49
CA THR A 73 -1.90 12.66 14.40
C THR A 73 -1.94 13.15 12.94
N GLU A 74 -2.84 14.11 12.68
CA GLU A 74 -3.00 14.70 11.36
C GLU A 74 -1.98 15.82 11.11
N VAL A 75 -1.75 16.14 9.83
CA VAL A 75 -0.96 17.33 9.48
C VAL A 75 -1.31 17.79 8.07
N THR A 76 -1.26 19.10 7.84
CA THR A 76 -1.46 19.66 6.51
C THR A 76 -0.34 20.66 6.23
N VAL A 77 0.45 20.39 5.20
CA VAL A 77 1.56 21.25 4.81
C VAL A 77 1.68 21.35 3.27
N GLN A 78 2.54 22.25 2.82
CA GLN A 78 2.84 22.35 1.39
C GLN A 78 4.33 22.21 1.19
N LEU A 79 4.73 21.44 0.19
CA LEU A 79 6.15 21.23 -0.09
C LEU A 79 6.40 20.81 -1.53
N ILE A 80 7.64 20.97 -1.97
CA ILE A 80 8.06 20.66 -3.34
C ILE A 80 8.33 19.16 -3.52
N ASN A 81 7.61 18.54 -4.46
CA ASN A 81 7.81 17.13 -4.82
C ASN A 81 8.21 17.02 -6.29
N TYR A 82 8.74 15.86 -6.67
CA TYR A 82 9.21 15.62 -8.04
C TYR A 82 8.52 14.40 -8.67
N THR A 83 8.23 14.47 -9.97
CA THR A 83 7.79 13.28 -10.70
C THR A 83 8.98 12.36 -11.01
N LYS A 84 8.67 11.20 -11.59
CA LYS A 84 9.71 10.24 -11.97
C LYS A 84 10.76 10.87 -12.90
N SER A 85 10.30 11.60 -13.91
CA SER A 85 11.21 12.21 -14.87
C SER A 85 11.94 13.42 -14.30
N GLY A 86 11.54 13.87 -13.11
CA GLY A 86 12.25 14.96 -12.44
C GLY A 86 11.60 16.32 -12.55
N LYS A 87 10.32 16.35 -12.88
CA LYS A 87 9.58 17.61 -12.98
C LYS A 87 9.09 18.04 -11.60
N LYS A 88 9.26 19.33 -11.28
CA LYS A 88 8.84 19.88 -9.98
C LYS A 88 7.36 20.24 -9.93
N PHE A 89 6.74 20.01 -8.77
CA PHE A 89 5.40 20.52 -8.50
C PHE A 89 5.19 20.77 -7.01
N TRP A 90 4.39 21.75 -6.68
CA TRP A 90 4.02 21.97 -5.29
C TRP A 90 2.91 21.00 -4.92
N ASN A 91 3.04 20.42 -3.74
CA ASN A 91 2.09 19.45 -3.20
C ASN A 91 1.42 20.03 -1.96
N LEU A 92 0.13 20.34 -2.06
CA LEU A 92 -0.70 20.61 -0.90
C LEU A 92 -1.10 19.23 -0.36
N PHE A 93 -0.50 18.85 0.76
CA PHE A 93 -0.53 17.49 1.29
C PHE A 93 -1.24 17.42 2.65
N HIS A 94 -2.14 16.46 2.82
CA HIS A 94 -2.80 16.22 4.10
C HIS A 94 -2.66 14.77 4.50
N LEU A 95 -2.27 14.56 5.75
CA LEU A 95 -2.06 13.23 6.29
C LEU A 95 -3.01 12.94 7.44
N GLN A 96 -3.50 11.71 7.52
CA GLN A 96 -4.28 11.33 8.70
C GLN A 96 -4.37 9.82 8.87
N PRO A 97 -4.27 9.35 10.12
CA PRO A 97 -4.33 7.94 10.46
C PRO A 97 -5.73 7.38 10.40
N MET A 98 -5.91 6.14 9.92
CA MET A 98 -7.14 5.39 10.14
C MET A 98 -7.01 4.57 11.40
N ARG A 99 -8.03 4.60 12.26
CA ARG A 99 -7.98 3.88 13.52
C ARG A 99 -9.17 2.95 13.62
N ASP A 100 -9.03 1.89 14.41
CA ASP A 100 -10.18 1.07 14.71
C ASP A 100 -11.02 1.70 15.84
N GLN A 101 -12.02 0.97 16.32
CA GLN A 101 -12.94 1.51 17.31
C GLN A 101 -12.24 1.80 18.65
N LYS A 102 -11.11 1.13 18.89
CA LYS A 102 -10.34 1.32 20.12
C LYS A 102 -9.26 2.38 19.98
N GLY A 103 -9.19 3.03 18.83
CA GLY A 103 -8.20 4.07 18.61
C GLY A 103 -6.84 3.66 18.06
N ASP A 104 -6.56 2.36 18.00
CA ASP A 104 -5.29 1.86 17.44
C ASP A 104 -5.13 2.23 15.97
N VAL A 105 -3.94 2.70 15.60
CA VAL A 105 -3.68 3.09 14.22
C VAL A 105 -3.54 1.86 13.30
N GLN A 106 -4.39 1.79 12.27
CA GLN A 106 -4.30 0.76 11.25
C GLN A 106 -3.43 1.16 10.02
N TYR A 107 -3.63 2.36 9.52
CA TYR A 107 -2.96 2.83 8.30
C TYR A 107 -2.79 4.34 8.41
N PHE A 108 -1.95 4.91 7.54
CA PHE A 108 -1.99 6.35 7.29
C PHE A 108 -2.55 6.60 5.90
N ILE A 109 -3.38 7.64 5.79
CA ILE A 109 -3.86 8.15 4.51
C ILE A 109 -3.12 9.44 4.16
N GLY A 110 -2.71 9.57 2.90
CA GLY A 110 -2.12 10.79 2.39
C GLY A 110 -2.74 11.23 1.08
N VAL A 111 -3.22 12.49 1.03
CA VAL A 111 -3.89 13.05 -0.13
C VAL A 111 -3.11 14.22 -0.73
N GLN A 112 -2.88 14.17 -2.04
CA GLN A 112 -2.09 15.23 -2.73
C GLN A 112 -2.87 16.09 -3.71
N LEU A 113 -2.54 17.36 -3.73
CA LEU A 113 -3.15 18.28 -4.69
C LEU A 113 -2.06 19.13 -5.34
N ASP A 114 -1.88 18.98 -6.65
CA ASP A 114 -0.75 19.61 -7.34
C ASP A 114 -0.98 21.07 -7.69
N GLY A 115 0.09 21.85 -7.53
CA GLY A 115 0.08 23.24 -7.91
C GLY A 115 1.37 23.62 -8.61
N THR A 116 1.44 24.86 -9.06
CA THR A 116 2.65 25.40 -9.64
C THR A 116 3.38 26.30 -8.65
N GLU A 117 2.75 26.57 -7.51
CA GLU A 117 3.32 27.45 -6.51
C GLU A 117 2.63 27.33 -5.16
N HIS A 118 3.23 27.93 -4.14
CA HIS A 118 2.66 27.93 -2.81
C HIS A 118 1.35 28.72 -2.87
N VAL A 119 0.28 28.19 -2.29
CA VAL A 119 -0.99 28.90 -2.27
C VAL A 119 -1.33 29.40 -0.87
N ARG A 120 -2.04 30.53 -0.79
CA ARG A 120 -2.58 30.98 0.47
C ARG A 120 -3.96 31.59 0.29
N ASP A 121 -4.48 32.17 1.36
CA ASP A 121 -5.82 32.75 1.40
C ASP A 121 -6.89 31.77 0.94
N ALA A 122 -7.82 32.27 0.13
CA ALA A 122 -8.98 31.47 -0.28
C ALA A 122 -8.60 30.25 -1.11
N ALA A 123 -7.54 30.37 -1.90
CA ALA A 123 -7.09 29.27 -2.74
C ALA A 123 -6.69 28.10 -1.85
N GLU A 124 -5.97 28.40 -0.78
CA GLU A 124 -5.52 27.36 0.15
C GLU A 124 -6.69 26.76 0.92
N ARG A 125 -7.62 27.61 1.37
CA ARG A 125 -8.81 27.13 2.06
C ARG A 125 -9.61 26.11 1.23
N GLU A 126 -9.83 26.43 -0.04
CA GLU A 126 -10.54 25.52 -0.94
C GLU A 126 -9.80 24.19 -1.08
N GLY A 127 -8.49 24.26 -1.30
CA GLY A 127 -7.70 23.05 -1.53
C GLY A 127 -7.76 22.14 -0.32
N VAL A 128 -7.61 22.74 0.86
CA VAL A 128 -7.61 22.01 2.13
C VAL A 128 -8.95 21.31 2.35
N MET A 129 -10.04 22.01 2.01
CA MET A 129 -11.38 21.45 2.12
C MET A 129 -11.55 20.21 1.23
N LEU A 130 -11.10 20.33 -0.01
CA LEU A 130 -11.11 19.22 -0.96
C LEU A 130 -10.32 17.99 -0.44
N ILE A 131 -9.09 18.20 0.00
CA ILE A 131 -8.28 17.05 0.41
C ILE A 131 -8.78 16.42 1.71
N LYS A 132 -9.28 17.24 2.65
CA LYS A 132 -9.78 16.69 3.91
C LYS A 132 -11.06 15.85 3.74
N LYS A 133 -11.95 16.29 2.85
CA LYS A 133 -13.17 15.53 2.54
C LYS A 133 -12.84 14.19 1.88
N THR A 134 -11.92 14.23 0.92
CA THR A 134 -11.38 13.05 0.27
C THR A 134 -10.83 12.01 1.27
N ALA A 135 -10.03 12.49 2.23
CA ALA A 135 -9.46 11.62 3.26
C ALA A 135 -10.55 10.92 4.09
N GLU A 136 -11.61 11.68 4.41
CA GLU A 136 -12.76 11.09 5.10
C GLU A 136 -13.47 10.06 4.22
N ASN A 137 -13.60 10.35 2.93
CA ASN A 137 -14.15 9.38 1.97
C ASN A 137 -13.32 8.10 1.92
N ILE A 138 -12.01 8.27 1.89
CA ILE A 138 -11.08 7.13 1.87
C ILE A 138 -11.22 6.29 3.14
N ASP A 139 -11.23 6.95 4.29
CA ASP A 139 -11.38 6.29 5.59
C ASP A 139 -12.67 5.46 5.63
N GLU A 140 -13.79 6.06 5.22
CA GLU A 140 -15.07 5.35 5.12
C GLU A 140 -15.03 4.16 4.14
N ALA A 141 -14.40 4.35 2.99
CA ALA A 141 -14.28 3.29 1.99
C ALA A 141 -13.42 2.10 2.45
N ALA A 142 -12.44 2.34 3.32
CA ALA A 142 -11.49 1.28 3.68
C ALA A 142 -11.63 0.74 5.12
N LYS A 143 -12.73 1.06 5.79
CA LYS A 143 -12.87 0.79 7.22
C LYS A 143 -12.95 -0.70 7.60
N GLU A 144 -13.09 -1.59 6.62
CA GLU A 144 -13.12 -3.02 6.94
C GLU A 144 -11.78 -3.70 6.69
N LEU A 145 -10.84 -2.97 6.10
CA LEU A 145 -9.53 -3.52 5.75
C LEU A 145 -8.49 -3.32 6.85
N LYS B 6 4.00 -35.85 -3.38
CA LYS B 6 4.87 -35.22 -4.36
C LYS B 6 4.17 -34.07 -5.06
N PHE B 7 4.07 -32.94 -4.36
CA PHE B 7 3.73 -31.69 -4.99
C PHE B 7 5.04 -31.06 -5.44
N ASN B 8 6.08 -31.88 -5.57
CA ASN B 8 7.40 -31.39 -5.91
C ASN B 8 7.47 -30.77 -7.30
N LYS B 9 7.03 -31.51 -8.31
CA LYS B 9 6.99 -30.98 -9.67
C LYS B 9 6.05 -29.77 -9.76
N GLU B 10 4.93 -29.83 -9.05
CA GLU B 10 3.94 -28.74 -9.08
C GLU B 10 4.47 -27.47 -8.42
N LYS B 11 5.18 -27.65 -7.30
CA LYS B 11 5.83 -26.56 -6.59
C LYS B 11 6.86 -25.82 -7.46
N THR B 12 7.73 -26.56 -8.15
CA THR B 12 8.77 -25.95 -8.97
C THR B 12 8.13 -25.31 -10.20
N ARG B 13 7.11 -25.98 -10.74
CA ARG B 13 6.36 -25.43 -11.86
C ARG B 13 5.75 -24.10 -11.50
N ALA B 14 5.11 -24.02 -10.33
CA ALA B 14 4.41 -22.82 -9.93
C ALA B 14 5.39 -21.70 -9.60
N GLY B 15 6.51 -22.06 -8.97
CA GLY B 15 7.57 -21.11 -8.70
C GLY B 15 8.12 -20.49 -9.96
N ALA B 16 8.33 -21.31 -10.98
CA ALA B 16 8.83 -20.82 -12.26
C ALA B 16 7.89 -19.80 -12.88
N GLU B 17 6.59 -20.08 -12.83
CA GLU B 17 5.61 -19.16 -13.42
C GLU B 17 5.57 -17.80 -12.68
N ILE B 18 5.58 -17.88 -11.36
CA ILE B 18 5.54 -16.66 -10.54
C ILE B 18 6.75 -15.81 -10.82
N HIS B 19 7.89 -16.46 -11.06
CA HIS B 19 9.13 -15.76 -11.33
C HIS B 19 9.01 -14.92 -12.61
N SER B 20 8.14 -15.36 -13.53
CA SER B 20 8.05 -14.74 -14.84
C SER B 20 6.93 -13.71 -14.99
N LEU B 21 6.11 -13.59 -13.96
CA LEU B 21 5.04 -12.59 -13.97
C LEU B 21 5.67 -11.21 -14.07
N PRO B 22 5.29 -10.44 -15.10
CA PRO B 22 5.95 -9.16 -15.42
C PRO B 22 5.56 -7.99 -14.50
N ASN B 23 4.41 -8.05 -13.83
CA ASN B 23 3.95 -6.89 -13.09
C ASN B 23 4.19 -6.97 -11.56
N LEU B 24 4.89 -8.00 -11.11
CA LEU B 24 5.19 -8.17 -9.68
C LEU B 24 6.61 -7.69 -9.38
N ASN B 25 6.83 -7.10 -8.20
CA ASN B 25 8.21 -6.75 -7.80
C ASN B 25 8.90 -7.89 -7.05
N VAL B 26 10.19 -7.71 -6.74
CA VAL B 26 10.97 -8.82 -6.21
C VAL B 26 10.51 -9.22 -4.81
N GLU B 27 9.97 -8.26 -4.06
CA GLU B 27 9.50 -8.54 -2.70
C GLU B 27 8.28 -9.45 -2.81
N GLN B 28 7.41 -9.15 -3.77
CA GLN B 28 6.18 -9.91 -3.99
C GLN B 28 6.48 -11.28 -4.60
N LYS B 29 7.47 -11.35 -5.49
CA LYS B 29 7.88 -12.66 -6.00
C LYS B 29 8.44 -13.54 -4.88
N PHE B 30 9.30 -12.97 -4.03
CA PHE B 30 9.86 -13.74 -2.92
C PHE B 30 8.80 -14.18 -1.92
N ALA B 31 7.77 -13.35 -1.73
CA ALA B 31 6.66 -13.70 -0.84
C ALA B 31 5.95 -15.00 -1.28
N PHE B 32 5.56 -15.05 -2.55
CA PHE B 32 4.86 -16.21 -3.07
C PHE B 32 5.74 -17.46 -3.23
N ILE B 33 6.98 -17.28 -3.67
CA ILE B 33 7.90 -18.40 -3.87
C ILE B 33 8.29 -19.08 -2.54
N VAL B 34 8.52 -18.28 -1.50
CA VAL B 34 8.76 -18.84 -0.18
C VAL B 34 7.52 -19.52 0.37
N SER B 35 6.36 -18.90 0.15
CA SER B 35 5.08 -19.49 0.56
C SER B 35 4.91 -20.90 0.01
N LEU B 36 5.20 -21.08 -1.28
CA LEU B 36 5.10 -22.38 -1.97
C LEU B 36 6.02 -23.42 -1.34
N PHE B 37 7.29 -23.06 -1.19
CA PHE B 37 8.24 -24.01 -0.65
C PHE B 37 8.02 -24.30 0.84
N ASP B 38 7.29 -23.42 1.52
CA ASP B 38 6.89 -23.67 2.91
C ASP B 38 5.57 -24.43 3.05
N ASP B 39 4.74 -24.43 2.01
CA ASP B 39 3.47 -25.18 2.03
C ASP B 39 3.10 -25.70 0.64
N PRO B 40 3.91 -26.64 0.10
CA PRO B 40 3.73 -27.10 -1.28
C PRO B 40 2.32 -27.56 -1.60
N SER B 41 1.63 -28.12 -0.62
CA SER B 41 0.25 -28.58 -0.82
CA SER B 41 0.26 -28.58 -0.83
C SER B 41 -0.64 -27.45 -1.35
N GLN B 42 -0.32 -26.23 -0.95
CA GLN B 42 -1.12 -25.09 -1.39
C GLN B 42 -0.60 -24.45 -2.68
N SER B 43 0.10 -25.23 -3.49
CA SER B 43 0.71 -24.68 -4.73
C SER B 43 -0.29 -23.97 -5.63
N ALA B 44 -1.41 -24.63 -5.92
CA ALA B 44 -2.42 -24.09 -6.80
C ALA B 44 -2.98 -22.74 -6.35
N ASN B 45 -3.51 -22.69 -5.13
CA ASN B 45 -4.11 -21.47 -4.58
C ASN B 45 -3.17 -20.27 -4.57
N LEU B 46 -1.91 -20.49 -4.18
CA LEU B 46 -0.90 -19.43 -4.16
C LEU B 46 -0.57 -18.93 -5.56
N LEU B 47 -0.56 -19.83 -6.54
CA LEU B 47 -0.31 -19.46 -7.92
C LEU B 47 -1.42 -18.53 -8.43
N ALA B 48 -2.67 -18.92 -8.19
CA ALA B 48 -3.83 -18.10 -8.52
C ALA B 48 -3.77 -16.70 -7.91
N GLU B 49 -3.35 -16.61 -6.65
CA GLU B 49 -3.26 -15.31 -5.96
C GLU B 49 -2.19 -14.42 -6.56
N ALA B 50 -1.12 -15.03 -7.07
CA ALA B 50 -0.05 -14.28 -7.68
C ALA B 50 -0.54 -13.70 -8.99
N LYS B 51 -1.31 -14.49 -9.72
CA LYS B 51 -1.84 -14.04 -11.01
C LYS B 51 -2.86 -12.91 -10.85
N LYS B 52 -3.69 -12.97 -9.81
CA LYS B 52 -4.67 -11.91 -9.56
C LYS B 52 -3.93 -10.62 -9.17
N LEU B 53 -2.89 -10.74 -8.36
CA LEU B 53 -2.08 -9.59 -8.00
C LEU B 53 -1.35 -9.03 -9.23
N ASN B 54 -0.87 -9.90 -10.10
CA ASN B 54 -0.15 -9.44 -11.30
C ASN B 54 -1.06 -8.64 -12.24
N ASP B 55 -2.31 -9.06 -12.37
CA ASP B 55 -3.25 -8.37 -13.24
C ASP B 55 -3.66 -7.01 -12.66
N ALA B 56 -3.77 -6.93 -11.35
CA ALA B 56 -4.17 -5.69 -10.69
C ALA B 56 -3.10 -4.62 -10.87
N GLN B 57 -1.87 -5.07 -11.09
CA GLN B 57 -0.73 -4.18 -11.23
C GLN B 57 -0.34 -3.96 -12.69
N ALA B 58 -1.23 -4.35 -13.60
CA ALA B 58 -1.04 -4.07 -15.04
C ALA B 58 -1.22 -2.59 -15.34
N PRO B 59 -0.39 -2.05 -16.27
CA PRO B 59 -0.45 -0.67 -16.76
C PRO B 59 -1.81 -0.26 -17.35
N LYS B 60 -2.20 1.00 -17.17
CA LYS B 60 -3.50 1.48 -17.63
C LYS B 60 -3.36 2.63 -18.62
N THR C 12 -13.28 -7.12 13.86
CA THR C 12 -11.87 -7.18 13.48
C THR C 12 -11.69 -6.82 11.99
N ARG C 13 -10.56 -6.20 11.67
CA ARG C 13 -10.27 -5.81 10.30
C ARG C 13 -9.24 -6.76 9.70
N ALA C 14 -9.19 -6.79 8.37
CA ALA C 14 -8.40 -7.78 7.65
C ALA C 14 -6.91 -7.60 7.91
N GLY C 15 -6.44 -6.36 7.78
CA GLY C 15 -5.05 -6.04 8.04
C GLY C 15 -4.58 -6.42 9.44
N ALA C 16 -5.35 -6.01 10.46
CA ALA C 16 -5.03 -6.36 11.85
C ALA C 16 -4.95 -7.88 12.07
N GLU C 17 -5.81 -8.61 11.38
CA GLU C 17 -5.78 -10.06 11.44
C GLU C 17 -4.51 -10.62 10.78
N ILE C 18 -4.11 -10.05 9.66
CA ILE C 18 -2.92 -10.51 8.99
C ILE C 18 -1.72 -10.25 9.90
N HIS C 19 -1.71 -9.09 10.55
CA HIS C 19 -0.57 -8.75 11.41
C HIS C 19 -0.47 -9.59 12.68
N SER C 20 -1.62 -10.05 13.19
CA SER C 20 -1.65 -10.85 14.41
C SER C 20 -1.03 -12.24 14.23
N LEU C 21 -0.80 -12.64 12.98
CA LEU C 21 -0.29 -13.99 12.69
C LEU C 21 1.23 -14.07 12.89
N PRO C 22 1.65 -14.87 13.89
CA PRO C 22 3.04 -14.85 14.35
C PRO C 22 4.03 -15.33 13.28
N ASN C 23 3.63 -16.30 12.47
CA ASN C 23 4.58 -17.06 11.64
C ASN C 23 4.55 -16.74 10.17
N LEU C 24 4.11 -15.54 9.82
CA LEU C 24 4.28 -15.05 8.46
C LEU C 24 5.42 -14.05 8.50
N ASN C 25 6.26 -14.04 7.48
CA ASN C 25 7.33 -13.06 7.41
C ASN C 25 6.81 -11.75 6.89
N VAL C 26 7.68 -10.74 6.86
CA VAL C 26 7.30 -9.39 6.46
C VAL C 26 6.83 -9.33 5.00
N GLU C 27 7.53 -10.05 4.13
CA GLU C 27 7.15 -9.98 2.72
C GLU C 27 5.78 -10.63 2.49
N GLN C 28 5.52 -11.73 3.19
CA GLN C 28 4.25 -12.44 3.11
C GLN C 28 3.11 -11.57 3.66
N LYS C 29 3.38 -10.90 4.77
CA LYS C 29 2.37 -9.97 5.29
C LYS C 29 2.04 -8.83 4.30
N PHE C 30 3.08 -8.18 3.76
CA PHE C 30 2.94 -7.14 2.74
C PHE C 30 2.10 -7.66 1.54
N ALA C 31 2.48 -8.80 0.98
CA ALA C 31 1.78 -9.37 -0.17
C ALA C 31 0.27 -9.56 0.06
N PHE C 32 -0.11 -10.04 1.24
CA PHE C 32 -1.53 -10.25 1.57
C PHE C 32 -2.28 -8.94 1.71
N ILE C 33 -1.67 -7.99 2.41
CA ILE C 33 -2.31 -6.71 2.62
C ILE C 33 -2.58 -5.99 1.29
N VAL C 34 -1.60 -5.96 0.40
CA VAL C 34 -1.77 -5.35 -0.94
C VAL C 34 -2.89 -6.05 -1.72
N SER C 35 -2.93 -7.38 -1.64
CA SER C 35 -4.00 -8.19 -2.24
C SER C 35 -5.38 -7.83 -1.70
N LEU C 36 -5.47 -7.66 -0.38
CA LEU C 36 -6.74 -7.29 0.27
C LEU C 36 -7.26 -5.94 -0.24
N PHE C 37 -6.36 -4.98 -0.36
CA PHE C 37 -6.73 -3.66 -0.87
C PHE C 37 -7.12 -3.66 -2.36
N ASP C 38 -6.46 -4.47 -3.19
CA ASP C 38 -6.80 -4.50 -4.63
C ASP C 38 -8.11 -5.21 -4.97
N ASP C 39 -8.45 -6.27 -4.22
CA ASP C 39 -9.70 -7.01 -4.43
C ASP C 39 -10.36 -7.32 -3.09
N PRO C 40 -11.05 -6.33 -2.49
CA PRO C 40 -11.62 -6.55 -1.15
C PRO C 40 -12.65 -7.69 -1.11
N SER C 41 -13.25 -8.01 -2.26
CA SER C 41 -14.22 -9.11 -2.36
C SER C 41 -13.57 -10.50 -2.24
N GLN C 42 -12.26 -10.55 -2.09
CA GLN C 42 -11.57 -11.83 -1.90
C GLN C 42 -11.00 -11.97 -0.50
N SER C 43 -11.39 -11.07 0.41
CA SER C 43 -10.82 -11.02 1.74
C SER C 43 -10.93 -12.35 2.51
N ALA C 44 -12.08 -13.02 2.42
CA ALA C 44 -12.27 -14.30 3.08
C ALA C 44 -11.26 -15.35 2.59
N ASN C 45 -11.04 -15.36 1.29
CA ASN C 45 -10.17 -16.34 0.66
C ASN C 45 -8.71 -16.10 1.02
N LEU C 46 -8.34 -14.83 1.00
CA LEU C 46 -7.00 -14.37 1.38
C LEU C 46 -6.67 -14.67 2.84
N LEU C 47 -7.59 -14.35 3.74
CA LEU C 47 -7.41 -14.64 5.17
C LEU C 47 -7.40 -16.15 5.45
N ALA C 48 -8.23 -16.91 4.75
CA ALA C 48 -8.16 -18.37 4.82
C ALA C 48 -6.75 -18.87 4.51
N GLU C 49 -6.16 -18.33 3.44
CA GLU C 49 -4.86 -18.79 2.96
C GLU C 49 -3.74 -18.42 3.90
N ALA C 50 -3.75 -17.17 4.36
CA ALA C 50 -2.75 -16.69 5.30
C ALA C 50 -2.73 -17.50 6.59
N LYS C 51 -3.89 -17.95 7.05
CA LYS C 51 -3.97 -18.80 8.25
C LYS C 51 -3.42 -20.21 7.98
N LYS C 52 -3.70 -20.74 6.79
CA LYS C 52 -3.15 -22.02 6.36
C LYS C 52 -1.62 -21.95 6.36
N LEU C 53 -1.05 -20.90 5.77
CA LEU C 53 0.40 -20.76 5.72
C LEU C 53 0.99 -20.60 7.12
N ASN C 54 0.34 -19.77 7.93
CA ASN C 54 0.76 -19.56 9.30
C ASN C 54 0.75 -20.87 10.10
N ASP C 55 -0.23 -21.73 9.83
CA ASP C 55 -0.24 -23.06 10.42
C ASP C 55 0.97 -23.87 9.98
N ALA C 56 1.33 -23.75 8.71
CA ALA C 56 2.40 -24.55 8.13
C ALA C 56 3.80 -24.09 8.56
N GLN C 57 3.98 -22.78 8.77
CA GLN C 57 5.28 -22.22 9.15
C GLN C 57 5.50 -22.12 10.66
N ALA C 58 4.58 -22.66 11.45
CA ALA C 58 4.74 -22.64 12.89
C ALA C 58 5.94 -23.52 13.27
N PRO C 59 6.66 -23.14 14.35
CA PRO C 59 7.77 -23.94 14.88
C PRO C 59 7.34 -25.39 15.14
N LYS C 60 6.03 -25.54 15.40
CA LYS C 60 5.34 -26.83 15.55
C LYS C 60 5.99 -28.02 14.83
N1 FMN D . 6.04 12.77 1.56
C2 FMN D . 6.07 13.66 0.50
O2 FMN D . 7.04 14.41 0.36
N3 FMN D . 4.99 13.75 -0.35
C4 FMN D . 3.89 12.91 -0.18
O4 FMN D . 2.94 13.02 -0.94
C4A FMN D . 3.89 11.98 0.86
N5 FMN D . 2.81 11.15 1.08
C5A FMN D . 2.77 10.30 2.19
C6 FMN D . 1.61 9.60 2.51
C7 FMN D . 1.51 8.89 3.70
C7M FMN D . 0.23 8.22 4.09
C8 FMN D . 2.57 8.93 4.62
C8M FMN D . 2.49 8.15 5.90
C9 FMN D . 3.73 9.62 4.31
C9A FMN D . 3.83 10.32 3.11
N10 FMN D . 4.93 11.11 2.87
C10 FMN D . 4.96 11.95 1.75
C1' FMN D . 5.93 11.36 3.98
C2' FMN D . 7.15 10.45 3.91
O2' FMN D . 6.76 9.13 3.61
C3' FMN D . 7.89 10.40 5.25
O3' FMN D . 7.01 10.04 6.30
C4' FMN D . 8.56 11.69 5.67
O4' FMN D . 9.62 12.03 4.80
C5' FMN D . 9.10 11.40 7.07
O5' FMN D . 10.39 11.95 7.21
P FMN D . 11.73 11.06 7.13
O1P FMN D . 12.06 10.96 5.66
O2P FMN D . 11.57 9.69 7.71
O3P FMN D . 12.81 11.82 7.86
S SO4 E . -13.57 -1.71 14.48
O1 SO4 E . -13.82 -2.19 13.13
O2 SO4 E . -12.74 -2.68 15.20
O3 SO4 E . -12.89 -0.42 14.41
O4 SO4 E . -14.85 -1.55 15.17
S SO4 F . -14.74 11.66 -5.29
O1 SO4 F . -14.52 10.87 -6.50
O2 SO4 F . -13.57 12.45 -4.99
O3 SO4 F . -15.06 10.76 -4.19
O4 SO4 F . -15.87 12.57 -5.54
S SO4 G . -7.09 11.68 14.36
O1 SO4 G . -7.23 12.13 12.97
O2 SO4 G . -7.54 10.29 14.44
O3 SO4 G . -7.90 12.54 15.23
O4 SO4 G . -5.69 11.77 14.77
S SO4 H . -8.87 29.95 7.87
O1 SO4 H . -8.41 29.09 6.79
O2 SO4 H . -8.17 31.23 7.82
O3 SO4 H . -8.60 29.28 9.13
O4 SO4 H . -10.30 30.19 7.73
S SO4 I . 11.91 -4.38 -8.32
O1 SO4 I . 11.28 -5.68 -8.54
O2 SO4 I . 13.36 -4.53 -8.23
O3 SO4 I . 11.42 -3.80 -7.08
O4 SO4 I . 11.57 -3.51 -9.44
S SO4 J . -7.63 -26.41 -0.02
O1 SO4 J . -6.95 -27.50 -0.73
O2 SO4 J . -8.91 -26.12 -0.67
O3 SO4 J . -7.85 -26.81 1.37
O4 SO4 J . -6.79 -25.22 -0.07
#